data_8VCC
#
_entry.id   8VCC
#
_cell.length_a   203.262
_cell.length_b   203.262
_cell.length_c   203.262
_cell.angle_alpha   90.00
_cell.angle_beta   90.00
_cell.angle_gamma   90.00
#
_symmetry.space_group_name_H-M   'I 2 3'
#
loop_
_entity.id
_entity.type
_entity.pdbx_description
1 polymer hemagglutinin
2 branched 2-acetamido-2-deoxy-beta-D-glucopyranose-(1-4)-2-acetamido-2-deoxy-beta-D-glucopyranose
3 non-polymer 2-acetamido-2-deoxy-beta-D-glucopyranose
4 water water
#
_entity_poly.entity_id   1
_entity_poly.type   'polypeptide(L)'
_entity_poly.pdbx_seq_one_letter_code
;MWKLALAVTFLVISKPCKADKICIGYQSTNSTDTVNTLIENDVPVTQSKELLHQEHNGLLCSTNRGSPMELDKCKIEGIV
FGNPECDLLLGGRDWSYIIERDTAKEGICYPGSIENIEELRVLFSSSSSYKRIVMFPDFAWNVTYTTTSPACSNSFYRNM
RWLTKKSDNFPTQEAQFKNRESDPILFMWAIHYPSSQSEQEYLYKNLDTTSSVSTEDLHRNFKSAFGSNVAIKGIQGRMT
YSWGILKPNQTLKIRTNGNMIVPWYGHILRGESHGRILRSDTPLGNCLVECQTERGGFNASLPFQNISKYAFGNCPKYVK
TNSLKLALGMRNVPIKETRGLFGAIAGFIEGGWPGLVAGWYGFQHYNSEGTGMAADLTSTQKAIDKITSKVNNIIDKMNK
QYEIIGHEFSEIETRINMINDKIDDQIQDIWAYNAELLVLLENQKTLDEHDSNVRNLYERVKRSLGENAIDEGNGCFELL
HKCDNTCMDTIKNGTYSKYQYSESKLERLRINGIKLESNTVYKISGRLVPR
;
_entity_poly.pdbx_strand_id   A
#
# COMPACT_ATOMS: atom_id res chain seq x y z
N ASP A 20 -16.68 56.18 23.04
CA ASP A 20 -16.71 55.27 21.90
C ASP A 20 -15.47 54.36 21.88
N LYS A 21 -15.68 53.10 21.52
CA LYS A 21 -14.65 52.09 21.60
C LYS A 21 -14.63 51.26 20.33
N ILE A 22 -13.46 50.73 20.00
CA ILE A 22 -13.34 49.72 18.96
C ILE A 22 -12.44 48.61 19.47
N CYS A 23 -12.82 47.36 19.21
CA CYS A 23 -12.17 46.20 19.80
C CYS A 23 -11.81 45.19 18.71
N ILE A 24 -10.68 44.52 18.91
CA ILE A 24 -10.13 43.52 18.00
C ILE A 24 -10.26 42.13 18.64
N GLY A 25 -10.89 41.21 17.93
CA GLY A 25 -11.10 39.90 18.50
C GLY A 25 -11.03 38.84 17.44
N TYR A 26 -11.32 37.60 17.86
CA TYR A 26 -11.30 36.46 16.96
C TYR A 26 -12.48 35.54 17.30
N GLN A 27 -12.77 34.68 16.34
CA GLN A 27 -13.95 33.83 16.36
C GLN A 27 -13.92 32.80 17.49
N SER A 28 -15.10 32.52 18.03
CA SER A 28 -15.33 31.38 18.90
C SER A 28 -16.53 30.64 18.32
N THR A 29 -16.52 29.30 18.34
CA THR A 29 -17.60 28.59 17.66
C THR A 29 -18.15 27.45 18.50
N ASN A 30 -19.19 26.79 17.96
CA ASN A 30 -19.85 25.65 18.59
C ASN A 30 -19.07 24.34 18.40
N SER A 31 -17.90 24.38 17.78
CA SER A 31 -17.12 23.19 17.50
C SER A 31 -16.73 22.44 18.77
N THR A 32 -16.79 21.12 18.72
CA THR A 32 -16.36 20.29 19.84
C THR A 32 -14.93 19.80 19.68
N ASP A 33 -14.27 20.11 18.55
CA ASP A 33 -12.92 19.63 18.30
C ASP A 33 -11.96 20.00 19.41
N THR A 34 -11.16 19.04 19.82
CA THR A 34 -9.95 19.29 20.58
C THR A 34 -8.76 18.68 19.83
N VAL A 35 -7.58 19.21 20.12
CA VAL A 35 -6.31 18.65 19.67
C VAL A 35 -5.34 18.64 20.85
N ASN A 36 -4.23 17.92 20.68
CA ASN A 36 -3.12 18.01 21.61
C ASN A 36 -1.98 18.81 21.00
N THR A 37 -1.21 19.47 21.85
CA THR A 37 0.00 20.16 21.45
C THR A 37 1.16 19.68 22.30
N LEU A 38 2.38 20.05 21.93
CA LEU A 38 3.52 19.57 22.69
C LEU A 38 3.40 19.95 24.17
N ILE A 39 2.74 21.08 24.47
CA ILE A 39 2.76 21.63 25.82
C ILE A 39 1.40 21.61 26.51
N GLU A 40 0.32 21.23 25.82
CA GLU A 40 -1.02 21.25 26.39
C GLU A 40 -1.83 20.09 25.83
N ASN A 41 -2.81 19.65 26.62
CA ASN A 41 -3.66 18.53 26.29
C ASN A 41 -5.10 19.00 26.08
N ASP A 42 -5.76 18.45 25.06
CA ASP A 42 -7.20 18.61 24.86
C ASP A 42 -7.60 20.08 24.75
N VAL A 43 -6.81 20.83 24.00
CA VAL A 43 -7.17 22.21 23.68
C VAL A 43 -8.34 22.29 22.72
N PRO A 44 -9.42 22.97 23.08
CA PRO A 44 -10.51 23.21 22.11
C PRO A 44 -10.01 24.03 20.93
N VAL A 45 -10.42 23.65 19.72
CA VAL A 45 -10.07 24.44 18.54
C VAL A 45 -11.31 24.56 17.66
N THR A 46 -11.31 25.60 16.81
CA THR A 46 -12.48 25.87 15.99
C THR A 46 -12.49 25.09 14.70
N GLN A 47 -11.37 24.46 14.33
CA GLN A 47 -11.28 23.69 13.10
C GLN A 47 -10.02 22.83 13.16
N SER A 48 -10.12 21.60 12.67
CA SER A 48 -9.00 20.66 12.69
C SER A 48 -9.10 19.74 11.49
N LYS A 49 -8.02 19.01 11.22
CA LYS A 49 -7.89 18.14 10.06
C LYS A 49 -7.17 16.86 10.46
N GLU A 50 -7.76 15.71 10.15
CA GLU A 50 -7.13 14.40 10.36
C GLU A 50 -6.03 14.18 9.33
N LEU A 51 -4.84 13.78 9.78
CA LEU A 51 -3.77 13.36 8.87
C LEU A 51 -3.68 11.85 8.68
N LEU A 52 -4.47 11.08 9.42
CA LEU A 52 -4.41 9.63 9.42
C LEU A 52 -5.63 9.09 8.68
N HIS A 53 -5.40 8.47 7.52
CA HIS A 53 -6.49 7.83 6.80
C HIS A 53 -6.95 6.57 7.53
N GLN A 54 -8.26 6.43 7.71
CA GLN A 54 -8.80 5.39 8.57
C GLN A 54 -9.85 4.50 7.93
N GLU A 55 -10.21 4.69 6.67
CA GLU A 55 -11.32 3.97 6.08
C GLU A 55 -10.88 3.16 4.87
N HIS A 56 -11.52 2.01 4.67
CA HIS A 56 -11.32 1.19 3.49
C HIS A 56 -12.66 0.61 3.06
N ASN A 57 -12.72 0.18 1.79
CA ASN A 57 -13.97 -0.25 1.17
C ASN A 57 -14.26 -1.74 1.32
N GLY A 58 -13.58 -2.45 2.23
CA GLY A 58 -13.86 -3.86 2.47
C GLY A 58 -13.75 -4.79 1.27
N LEU A 59 -13.09 -4.36 0.18
CA LEU A 59 -12.99 -5.15 -1.04
C LEU A 59 -11.56 -5.22 -1.56
N LEU A 60 -11.31 -6.23 -2.40
CA LEU A 60 -10.08 -6.36 -3.16
C LEU A 60 -10.30 -5.85 -4.57
N CYS A 61 -9.51 -4.88 -5.01
CA CYS A 61 -9.80 -4.10 -6.20
C CYS A 61 -8.60 -4.13 -7.13
N SER A 62 -8.75 -3.42 -8.25
CA SER A 62 -7.65 -3.06 -9.13
C SER A 62 -6.85 -1.92 -8.54
N THR A 63 -5.56 -1.88 -8.81
CA THR A 63 -4.73 -0.73 -8.49
C THR A 63 -4.33 -0.05 -9.79
N ASN A 64 -3.49 0.98 -9.66
CA ASN A 64 -2.97 1.66 -10.83
C ASN A 64 -2.07 0.76 -11.66
N ARG A 65 -1.45 -0.26 -11.04
CA ARG A 65 -0.60 -1.18 -11.79
C ARG A 65 -1.38 -2.23 -12.57
N GLY A 66 -2.63 -2.50 -12.22
CA GLY A 66 -3.39 -3.53 -12.90
C GLY A 66 -4.42 -4.17 -11.98
N SER A 67 -5.00 -5.29 -12.46
CA SER A 67 -6.05 -6.01 -11.74
C SER A 67 -5.52 -7.33 -11.17
N PRO A 68 -6.15 -7.85 -10.13
CA PRO A 68 -5.67 -9.11 -9.53
C PRO A 68 -6.06 -10.33 -10.36
N MET A 69 -5.34 -11.41 -10.11
CA MET A 69 -5.79 -12.73 -10.51
C MET A 69 -6.30 -13.43 -9.27
N GLU A 70 -7.57 -13.79 -9.27
CA GLU A 70 -8.18 -14.51 -8.17
C GLU A 70 -8.08 -16.01 -8.45
N LEU A 71 -7.58 -16.75 -7.48
CA LEU A 71 -7.41 -18.20 -7.57
C LEU A 71 -8.32 -18.81 -6.51
N ASP A 72 -9.38 -19.50 -6.96
CA ASP A 72 -10.41 -20.03 -6.08
C ASP A 72 -10.21 -21.51 -5.72
N LYS A 73 -9.58 -22.31 -6.59
CA LYS A 73 -9.26 -23.68 -6.23
C LYS A 73 -7.81 -24.09 -6.46
N CYS A 74 -7.03 -23.32 -7.21
CA CYS A 74 -5.64 -23.67 -7.51
C CYS A 74 -4.67 -22.71 -6.84
N LYS A 75 -3.58 -23.27 -6.31
CA LYS A 75 -2.45 -22.49 -5.86
C LYS A 75 -1.63 -22.00 -7.06
N ILE A 76 -0.80 -20.99 -6.80
CA ILE A 76 0.06 -20.44 -7.87
C ILE A 76 0.82 -21.56 -8.57
N GLU A 77 1.43 -22.47 -7.79
CA GLU A 77 2.28 -23.50 -8.39
C GLU A 77 1.44 -24.57 -9.09
N GLY A 78 0.16 -24.71 -8.72
CA GLY A 78 -0.76 -25.51 -9.54
C GLY A 78 -0.87 -24.98 -10.96
N ILE A 79 -1.04 -23.65 -11.13
CA ILE A 79 -1.04 -23.06 -12.46
C ILE A 79 0.32 -23.23 -13.12
N VAL A 80 1.40 -23.09 -12.36
CA VAL A 80 2.73 -23.13 -12.96
C VAL A 80 2.99 -24.49 -13.59
N PHE A 81 2.77 -25.57 -12.83
CA PHE A 81 3.03 -26.89 -13.36
C PHE A 81 1.86 -27.44 -14.16
N GLY A 82 0.68 -26.85 -14.05
CA GLY A 82 -0.44 -27.30 -14.86
C GLY A 82 -1.17 -28.50 -14.27
N ASN A 83 -1.45 -28.43 -12.97
CA ASN A 83 -2.33 -29.37 -12.30
C ASN A 83 -3.60 -29.52 -13.13
N PRO A 84 -4.01 -30.76 -13.45
CA PRO A 84 -5.15 -30.95 -14.36
C PRO A 84 -6.46 -30.37 -13.86
N GLU A 85 -6.62 -30.14 -12.54
CA GLU A 85 -7.83 -29.49 -12.02
C GLU A 85 -7.86 -27.99 -12.22
N CYS A 86 -6.86 -27.40 -12.85
CA CYS A 86 -6.76 -25.96 -13.02
C CYS A 86 -7.03 -25.62 -14.47
N ASP A 87 -7.68 -24.48 -14.68
CA ASP A 87 -7.78 -23.92 -16.02
C ASP A 87 -6.43 -23.38 -16.45
N LEU A 88 -6.16 -23.46 -17.75
CA LEU A 88 -5.07 -22.71 -18.34
C LEU A 88 -5.42 -21.22 -18.29
N LEU A 89 -4.38 -20.39 -18.33
CA LEU A 89 -4.56 -18.95 -18.35
C LEU A 89 -4.84 -18.48 -19.76
N LEU A 90 -5.65 -17.41 -19.86
CA LEU A 90 -5.92 -16.76 -21.14
C LEU A 90 -4.64 -16.20 -21.76
N GLY A 91 -4.53 -16.34 -23.07
CA GLY A 91 -3.34 -15.96 -23.79
C GLY A 91 -2.98 -14.50 -23.95
N GLY A 92 -3.67 -13.58 -23.27
CA GLY A 92 -3.12 -12.24 -23.18
C GLY A 92 -3.34 -11.60 -21.82
N ARG A 93 -3.74 -12.42 -20.86
CA ARG A 93 -4.02 -11.98 -19.49
C ARG A 93 -2.86 -11.17 -18.91
N ASP A 94 -3.22 -10.18 -18.08
CA ASP A 94 -2.25 -9.53 -17.24
C ASP A 94 -2.77 -9.53 -15.80
N TRP A 95 -1.86 -9.38 -14.85
CA TRP A 95 -2.28 -9.26 -13.46
C TRP A 95 -1.16 -8.59 -12.70
N SER A 96 -1.54 -7.82 -11.69
CA SER A 96 -0.55 -7.10 -10.90
C SER A 96 -0.39 -7.70 -9.51
N TYR A 97 -1.31 -8.57 -9.10
CA TYR A 97 -1.12 -9.34 -7.88
C TYR A 97 -2.02 -10.55 -7.92
N ILE A 98 -1.79 -11.44 -6.97
CA ILE A 98 -2.46 -12.72 -6.92
C ILE A 98 -3.23 -12.82 -5.63
N ILE A 99 -4.46 -13.34 -5.71
CA ILE A 99 -5.29 -13.61 -4.55
C ILE A 99 -5.49 -15.12 -4.46
N GLU A 100 -5.14 -15.70 -3.33
CA GLU A 100 -5.29 -17.12 -3.08
C GLU A 100 -6.35 -17.28 -1.99
N ARG A 101 -7.51 -17.82 -2.35
CA ARG A 101 -8.55 -18.05 -1.37
C ARG A 101 -8.23 -19.29 -0.53
N ASP A 102 -8.91 -19.41 0.61
CA ASP A 102 -8.65 -20.55 1.49
C ASP A 102 -9.14 -21.86 0.88
N THR A 103 -9.94 -21.79 -0.17
CA THR A 103 -10.35 -22.97 -0.92
C THR A 103 -9.35 -23.38 -2.01
N ALA A 104 -8.36 -22.55 -2.32
CA ALA A 104 -7.35 -22.91 -3.32
C ALA A 104 -6.38 -23.91 -2.69
N LYS A 105 -6.60 -25.20 -2.95
CA LYS A 105 -5.77 -26.27 -2.40
C LYS A 105 -5.03 -27.09 -3.45
N GLU A 106 -5.32 -26.92 -4.73
CA GLU A 106 -4.65 -27.67 -5.79
C GLU A 106 -3.32 -27.00 -6.15
N GLY A 107 -2.23 -27.50 -5.60
CA GLY A 107 -0.89 -27.11 -6.01
C GLY A 107 -0.26 -28.20 -6.86
N ILE A 108 0.80 -28.82 -6.38
CA ILE A 108 1.26 -30.05 -7.02
C ILE A 108 0.39 -31.20 -6.52
N CYS A 109 0.11 -32.15 -7.42
CA CYS A 109 -0.83 -33.21 -7.13
C CYS A 109 -0.14 -34.54 -6.86
N TYR A 110 0.92 -34.86 -7.60
CA TYR A 110 1.70 -36.05 -7.29
C TYR A 110 2.66 -35.75 -6.13
N PRO A 111 2.68 -36.59 -5.10
CA PRO A 111 3.43 -36.28 -3.86
C PRO A 111 4.89 -35.90 -4.11
N GLY A 112 5.28 -34.76 -3.56
CA GLY A 112 6.68 -34.35 -3.66
C GLY A 112 6.90 -32.95 -3.14
N SER A 113 7.98 -32.32 -3.62
CA SER A 113 8.47 -31.05 -3.14
C SER A 113 8.94 -30.20 -4.31
N ILE A 114 8.68 -28.89 -4.23
CA ILE A 114 9.15 -27.94 -5.23
C ILE A 114 10.41 -27.24 -4.72
N GLU A 115 11.45 -27.26 -5.52
CA GLU A 115 12.65 -26.49 -5.20
C GLU A 115 12.35 -24.98 -5.27
N ASN A 116 12.76 -24.25 -4.24
CA ASN A 116 12.67 -22.78 -4.21
C ASN A 116 11.24 -22.30 -4.47
N ILE A 117 10.29 -22.88 -3.74
CA ILE A 117 8.87 -22.61 -4.00
C ILE A 117 8.53 -21.15 -3.75
N GLU A 118 9.14 -20.52 -2.73
CA GLU A 118 8.87 -19.11 -2.46
C GLU A 118 9.29 -18.21 -3.62
N GLU A 119 10.47 -18.51 -4.19
CA GLU A 119 10.95 -17.75 -5.34
C GLU A 119 10.08 -17.99 -6.57
N LEU A 120 9.58 -19.22 -6.76
CA LEU A 120 8.71 -19.50 -7.90
C LEU A 120 7.38 -18.75 -7.79
N ARG A 121 6.78 -18.76 -6.60
CA ARG A 121 5.52 -18.06 -6.43
C ARG A 121 5.69 -16.56 -6.62
N VAL A 122 6.81 -16.00 -6.14
CA VAL A 122 7.09 -14.59 -6.39
C VAL A 122 7.23 -14.32 -7.89
N LEU A 123 7.89 -15.24 -8.62
CA LEU A 123 8.14 -15.01 -10.03
C LEU A 123 6.83 -14.94 -10.80
N PHE A 124 5.90 -15.84 -10.51
CA PHE A 124 4.60 -15.85 -11.18
C PHE A 124 3.63 -14.79 -10.66
N SER A 125 3.94 -14.10 -9.56
CA SER A 125 2.93 -13.24 -8.92
C SER A 125 2.49 -12.04 -9.77
N SER A 126 3.08 -11.81 -10.94
CA SER A 126 2.61 -10.71 -11.77
C SER A 126 2.95 -10.99 -13.23
N SER A 127 2.14 -10.41 -14.14
CA SER A 127 2.43 -10.51 -15.56
C SER A 127 1.79 -9.34 -16.29
N SER A 128 2.51 -8.78 -17.26
CA SER A 128 1.93 -7.69 -18.05
C SER A 128 1.25 -8.17 -19.32
N SER A 129 1.55 -9.39 -19.79
CA SER A 129 0.83 -10.00 -20.91
C SER A 129 1.25 -11.46 -21.08
N TYR A 130 0.39 -12.38 -20.65
CA TYR A 130 0.77 -13.78 -20.51
C TYR A 130 0.72 -14.52 -21.84
N LYS A 131 1.57 -15.55 -21.96
CA LYS A 131 1.51 -16.45 -23.11
C LYS A 131 2.06 -17.81 -22.70
N ARG A 132 1.38 -18.85 -23.15
CA ARG A 132 1.81 -20.24 -22.98
C ARG A 132 2.37 -20.70 -24.31
N ILE A 133 3.56 -21.28 -24.30
CA ILE A 133 4.25 -21.65 -25.53
C ILE A 133 4.69 -23.11 -25.44
N VAL A 134 4.48 -23.88 -26.54
CA VAL A 134 4.91 -25.27 -26.56
C VAL A 134 6.42 -25.32 -26.79
N MET A 135 7.10 -26.21 -26.04
CA MET A 135 8.55 -26.31 -26.16
C MET A 135 9.02 -27.69 -26.60
N PHE A 136 8.38 -28.75 -26.15
CA PHE A 136 8.76 -30.12 -26.53
C PHE A 136 7.49 -30.86 -26.91
N PRO A 137 7.13 -30.85 -28.19
CA PRO A 137 5.90 -31.54 -28.62
C PRO A 137 5.90 -32.99 -28.15
N ASP A 138 4.80 -33.39 -27.51
CA ASP A 138 4.80 -34.67 -26.81
C ASP A 138 4.97 -35.86 -27.75
N PHE A 139 4.58 -35.71 -29.03
CA PHE A 139 4.69 -36.80 -29.98
C PHE A 139 6.11 -37.01 -30.53
N ALA A 140 7.05 -36.09 -30.26
CA ALA A 140 8.41 -36.27 -30.74
C ALA A 140 9.26 -37.17 -29.84
N TRP A 141 8.77 -37.55 -28.67
CA TRP A 141 9.47 -38.52 -27.84
C TRP A 141 9.30 -39.93 -28.41
N ASN A 142 10.37 -40.73 -28.29
CA ASN A 142 10.36 -42.10 -28.80
C ASN A 142 9.95 -43.11 -27.75
N VAL A 143 9.62 -42.69 -26.52
CA VAL A 143 9.15 -43.64 -25.52
C VAL A 143 7.72 -43.28 -25.16
N THR A 144 7.15 -43.97 -24.18
CA THR A 144 5.80 -43.65 -23.72
C THR A 144 5.81 -42.30 -22.96
N TYR A 145 4.85 -41.45 -23.28
CA TYR A 145 4.82 -40.11 -22.72
C TYR A 145 3.46 -39.75 -22.16
N THR A 146 2.61 -40.75 -21.91
CA THR A 146 1.19 -40.50 -21.63
C THR A 146 0.78 -40.82 -20.21
N THR A 147 1.69 -41.34 -19.38
CA THR A 147 1.32 -41.85 -18.06
C THR A 147 0.54 -40.81 -17.25
N THR A 148 -0.45 -41.30 -16.50
CA THR A 148 -1.30 -40.52 -15.62
C THR A 148 -1.26 -41.16 -14.22
N SER A 149 -1.89 -40.49 -13.26
CA SER A 149 -1.88 -40.99 -11.90
C SER A 149 -3.17 -40.64 -11.18
N PRO A 150 -3.68 -41.54 -10.33
CA PRO A 150 -4.86 -41.18 -9.52
C PRO A 150 -4.64 -39.99 -8.61
N ALA A 151 -3.41 -39.74 -8.19
CA ALA A 151 -3.13 -38.54 -7.40
C ALA A 151 -3.39 -37.27 -8.19
N CYS A 152 -3.37 -37.35 -9.52
CA CYS A 152 -3.54 -36.20 -10.39
C CYS A 152 -4.82 -36.29 -11.19
N SER A 153 -5.93 -36.64 -10.52
CA SER A 153 -7.26 -36.67 -11.13
C SER A 153 -7.33 -37.66 -12.30
N ASN A 154 -6.58 -38.77 -12.19
CA ASN A 154 -6.43 -39.76 -13.26
C ASN A 154 -5.96 -39.12 -14.55
N SER A 155 -5.32 -37.96 -14.44
CA SER A 155 -4.65 -37.29 -15.55
C SER A 155 -3.18 -37.11 -15.17
N PHE A 156 -2.54 -36.12 -15.79
CA PHE A 156 -1.21 -35.69 -15.42
C PHE A 156 -1.09 -34.20 -15.72
N TYR A 157 0.07 -33.62 -15.38
CA TYR A 157 0.27 -32.18 -15.52
C TYR A 157 0.16 -31.76 -16.98
N ARG A 158 -0.31 -30.53 -17.18
CA ARG A 158 -0.47 -30.07 -18.54
C ARG A 158 0.77 -29.39 -19.09
N ASN A 159 1.79 -29.13 -18.28
CA ASN A 159 2.96 -28.42 -18.78
C ASN A 159 4.20 -29.29 -18.81
N MET A 160 4.08 -30.55 -18.40
CA MET A 160 5.15 -31.54 -18.44
C MET A 160 4.58 -32.87 -18.91
N ARG A 161 5.46 -33.81 -19.27
CA ARG A 161 5.07 -35.15 -19.73
C ARG A 161 5.91 -36.20 -19.00
N TRP A 162 5.24 -37.24 -18.52
CA TRP A 162 5.89 -38.33 -17.80
C TRP A 162 6.39 -39.35 -18.82
N LEU A 163 7.72 -39.48 -18.97
CA LEU A 163 8.31 -40.47 -19.86
C LEU A 163 8.50 -41.80 -19.13
N THR A 164 8.04 -42.89 -19.77
CA THR A 164 8.22 -44.25 -19.25
C THR A 164 8.57 -45.15 -20.42
N LYS A 165 8.94 -46.40 -20.09
CA LYS A 165 9.45 -47.32 -21.11
C LYS A 165 8.38 -47.72 -22.13
N LYS A 166 8.85 -48.01 -23.35
CA LYS A 166 8.02 -48.49 -24.43
C LYS A 166 8.57 -49.84 -24.92
N SER A 167 7.72 -50.87 -24.93
CA SER A 167 8.13 -52.22 -25.36
C SER A 167 9.31 -52.73 -24.52
N ASP A 168 9.18 -52.60 -23.21
CA ASP A 168 10.22 -52.98 -22.24
C ASP A 168 11.58 -52.42 -22.64
N ASN A 169 11.58 -51.15 -23.03
CA ASN A 169 12.83 -50.51 -23.44
C ASN A 169 12.75 -49.01 -23.17
N PHE A 170 13.91 -48.43 -22.87
CA PHE A 170 14.03 -46.99 -22.63
C PHE A 170 15.40 -46.53 -23.10
N PRO A 171 15.56 -46.37 -24.41
CA PRO A 171 16.78 -45.72 -24.93
C PRO A 171 16.84 -44.26 -24.52
N THR A 172 18.06 -43.73 -24.46
CA THR A 172 18.24 -42.34 -24.04
C THR A 172 17.55 -41.38 -25.01
N GLN A 173 16.63 -40.58 -24.48
CA GLN A 173 16.01 -39.50 -25.23
C GLN A 173 16.84 -38.23 -25.06
N GLU A 174 16.87 -37.43 -26.13
CA GLU A 174 17.57 -36.16 -26.14
C GLU A 174 16.88 -35.22 -27.13
N ALA A 175 16.52 -34.04 -26.66
CA ALA A 175 15.80 -33.08 -27.49
C ALA A 175 16.19 -31.67 -27.07
N GLN A 176 15.95 -30.70 -27.97
CA GLN A 176 16.40 -29.33 -27.77
C GLN A 176 15.29 -28.37 -28.12
N PHE A 177 15.37 -27.17 -27.55
CA PHE A 177 14.43 -26.11 -27.87
C PHE A 177 15.16 -24.79 -27.70
N LYS A 178 15.02 -23.92 -28.69
CA LYS A 178 15.60 -22.58 -28.63
C LYS A 178 14.50 -21.58 -28.36
N ASN A 179 14.77 -20.61 -27.48
CA ASN A 179 13.84 -19.53 -27.19
C ASN A 179 14.00 -18.51 -28.32
N ARG A 180 13.08 -18.52 -29.27
CA ARG A 180 13.03 -17.56 -30.36
C ARG A 180 12.05 -16.43 -30.09
N GLU A 181 11.56 -16.30 -28.86
CA GLU A 181 10.73 -15.19 -28.46
C GLU A 181 11.59 -14.03 -27.98
N SER A 182 10.93 -12.91 -27.68
CA SER A 182 11.61 -11.70 -27.24
C SER A 182 11.76 -11.61 -25.71
N ASP A 183 11.15 -12.52 -24.97
CA ASP A 183 11.13 -12.51 -23.52
C ASP A 183 11.56 -13.87 -23.00
N PRO A 184 11.91 -13.97 -21.72
CA PRO A 184 12.36 -15.26 -21.18
C PRO A 184 11.18 -16.17 -20.93
N ILE A 185 11.47 -17.47 -20.90
CA ILE A 185 10.45 -18.49 -20.70
C ILE A 185 10.75 -19.22 -19.40
N LEU A 186 9.74 -19.31 -18.54
CA LEU A 186 9.79 -20.17 -17.37
C LEU A 186 9.40 -21.60 -17.78
N PHE A 187 10.26 -22.58 -17.49
CA PHE A 187 9.98 -23.98 -17.80
C PHE A 187 10.12 -24.88 -16.57
N MET A 188 9.50 -26.04 -16.64
CA MET A 188 9.31 -26.91 -15.49
C MET A 188 9.68 -28.35 -15.83
N TRP A 189 10.18 -29.07 -14.83
CA TRP A 189 10.42 -30.50 -14.98
C TRP A 189 10.41 -31.14 -13.61
N ALA A 190 10.49 -32.47 -13.57
CA ALA A 190 10.55 -33.12 -12.27
C ALA A 190 11.36 -34.40 -12.39
N ILE A 191 11.81 -34.89 -11.24
CA ILE A 191 12.47 -36.19 -11.17
C ILE A 191 11.63 -37.09 -10.29
N HIS A 192 11.38 -38.32 -10.76
CA HIS A 192 10.54 -39.27 -10.04
C HIS A 192 11.40 -40.34 -9.38
N TYR A 193 11.07 -40.64 -8.12
CA TYR A 193 11.73 -41.67 -7.31
C TYR A 193 10.68 -42.70 -6.93
N PRO A 194 10.62 -43.82 -7.65
CA PRO A 194 9.64 -44.85 -7.35
C PRO A 194 9.79 -45.43 -5.95
N SER A 195 8.72 -46.10 -5.52
CA SER A 195 8.64 -46.66 -4.17
C SER A 195 9.45 -47.95 -3.99
N SER A 196 10.02 -48.53 -5.04
CA SER A 196 10.71 -49.80 -4.90
C SER A 196 11.45 -50.11 -6.19
N GLN A 197 12.35 -51.10 -6.10
CA GLN A 197 13.12 -51.52 -7.26
C GLN A 197 12.22 -52.08 -8.36
N SER A 198 11.19 -52.85 -7.99
CA SER A 198 10.28 -53.38 -8.99
C SER A 198 9.50 -52.26 -9.67
N GLU A 199 9.08 -51.22 -8.91
CA GLU A 199 8.44 -50.08 -9.55
C GLU A 199 9.40 -49.36 -10.49
N GLN A 200 10.67 -49.26 -10.11
CA GLN A 200 11.67 -48.63 -10.97
C GLN A 200 11.80 -49.40 -12.29
N GLU A 201 11.80 -50.73 -12.21
CA GLU A 201 11.92 -51.55 -13.41
C GLU A 201 10.66 -51.45 -14.26
N TYR A 202 9.50 -51.46 -13.61
CA TYR A 202 8.24 -51.39 -14.34
C TYR A 202 8.13 -50.07 -15.10
N LEU A 203 8.61 -48.96 -14.52
CA LEU A 203 8.43 -47.67 -15.22
C LEU A 203 9.54 -47.36 -16.22
N TYR A 204 10.80 -47.67 -15.90
CA TYR A 204 11.88 -47.17 -16.76
C TYR A 204 12.82 -48.26 -17.23
N LYS A 205 12.55 -49.52 -16.84
CA LYS A 205 13.35 -50.67 -17.21
C LYS A 205 14.73 -50.58 -16.57
N ASN A 206 15.50 -49.56 -16.91
CA ASN A 206 16.85 -49.41 -16.38
C ASN A 206 16.83 -49.15 -14.88
N LEU A 207 17.74 -49.81 -14.17
CA LEU A 207 17.78 -49.66 -12.72
C LEU A 207 18.47 -48.37 -12.30
N ASP A 208 19.45 -47.92 -13.08
CA ASP A 208 20.24 -46.73 -12.79
C ASP A 208 20.14 -45.82 -14.01
N THR A 209 19.48 -44.67 -13.83
CA THR A 209 19.25 -43.73 -14.92
C THR A 209 19.93 -42.40 -14.65
N THR A 210 20.03 -41.60 -15.70
CA THR A 210 20.67 -40.30 -15.65
C THR A 210 19.81 -39.33 -16.46
N SER A 211 19.50 -38.19 -15.86
CA SER A 211 18.76 -37.14 -16.53
C SER A 211 19.55 -35.85 -16.44
N SER A 212 19.48 -35.04 -17.47
CA SER A 212 20.28 -33.83 -17.56
C SER A 212 19.43 -32.74 -18.17
N VAL A 213 19.53 -31.55 -17.58
CA VAL A 213 18.96 -30.32 -18.11
C VAL A 213 20.11 -29.37 -18.36
N SER A 214 20.12 -28.73 -19.52
CA SER A 214 21.21 -27.77 -19.71
C SER A 214 20.78 -26.63 -20.61
N THR A 215 21.42 -25.48 -20.41
CA THR A 215 21.35 -24.30 -21.26
C THR A 215 22.76 -23.76 -21.41
N GLU A 216 22.91 -22.60 -22.07
CA GLU A 216 24.21 -21.94 -22.07
C GLU A 216 24.62 -21.49 -20.68
N ASP A 217 23.66 -21.30 -19.76
CA ASP A 217 23.97 -20.76 -18.44
C ASP A 217 24.01 -21.80 -17.34
N LEU A 218 23.47 -23.00 -17.56
CA LEU A 218 23.34 -23.93 -16.47
C LEU A 218 23.42 -25.37 -16.97
N HIS A 219 23.86 -26.27 -16.10
CA HIS A 219 23.84 -27.70 -16.36
C HIS A 219 23.52 -28.39 -15.04
N ARG A 220 22.55 -29.30 -15.09
N ARG A 220 22.52 -29.28 -15.06
CA ARG A 220 22.11 -30.00 -13.89
CA ARG A 220 22.06 -29.98 -13.88
C ARG A 220 21.92 -31.48 -14.21
C ARG A 220 21.92 -31.46 -14.21
N ASN A 221 22.47 -32.32 -13.34
CA ASN A 221 22.47 -33.75 -13.53
C ASN A 221 21.69 -34.41 -12.40
N PHE A 222 20.89 -35.42 -12.73
CA PHE A 222 20.02 -36.10 -11.78
C PHE A 222 20.15 -37.62 -11.94
N LYS A 223 20.42 -38.31 -10.84
CA LYS A 223 20.53 -39.76 -10.87
C LYS A 223 19.35 -40.39 -10.14
N SER A 224 18.97 -41.58 -10.61
CA SER A 224 17.79 -42.25 -10.08
C SER A 224 18.01 -42.72 -8.65
N ALA A 225 16.89 -42.87 -7.94
CA ALA A 225 16.84 -43.54 -6.65
C ALA A 225 15.42 -44.03 -6.43
N PHE A 226 15.26 -45.02 -5.54
CA PHE A 226 13.95 -45.56 -5.24
C PHE A 226 13.94 -46.10 -3.82
N GLY A 227 12.74 -46.33 -3.31
CA GLY A 227 12.55 -46.78 -1.95
C GLY A 227 11.27 -46.18 -1.41
N SER A 228 10.85 -46.71 -0.26
CA SER A 228 9.59 -46.28 0.32
C SER A 228 9.70 -44.90 0.95
N ASN A 229 8.56 -44.23 1.05
CA ASN A 229 8.44 -42.97 1.77
C ASN A 229 7.16 -43.02 2.57
N VAL A 230 6.99 -42.04 3.48
CA VAL A 230 5.71 -41.89 4.17
C VAL A 230 4.61 -41.80 3.11
N ALA A 231 3.57 -42.60 3.28
CA ALA A 231 2.54 -42.67 2.26
C ALA A 231 1.67 -41.42 2.28
N ILE A 232 1.44 -40.83 1.11
CA ILE A 232 0.53 -39.70 0.96
C ILE A 232 -0.60 -40.15 0.06
N LYS A 233 -1.83 -40.11 0.57
CA LYS A 233 -3.03 -40.66 -0.04
C LYS A 233 -2.73 -42.01 -0.72
N GLY A 234 -1.99 -42.89 0.00
CA GLY A 234 -1.68 -44.22 -0.50
C GLY A 234 -0.41 -44.36 -1.33
N ILE A 235 0.17 -43.27 -1.82
CA ILE A 235 1.32 -43.33 -2.72
C ILE A 235 2.61 -43.17 -1.94
N GLN A 236 3.61 -43.98 -2.28
CA GLN A 236 4.88 -44.02 -1.58
C GLN A 236 6.07 -43.61 -2.43
N GLY A 237 5.87 -43.35 -3.71
CA GLY A 237 6.91 -42.71 -4.50
C GLY A 237 6.89 -41.19 -4.32
N ARG A 238 7.95 -40.52 -4.79
CA ARG A 238 8.02 -39.06 -4.63
C ARG A 238 8.59 -38.44 -5.89
N MET A 239 8.22 -37.17 -6.09
CA MET A 239 8.78 -36.35 -7.16
C MET A 239 9.44 -35.11 -6.56
N THR A 240 10.57 -34.71 -7.14
CA THR A 240 11.18 -33.42 -6.85
C THR A 240 10.99 -32.53 -8.06
N TYR A 241 10.26 -31.42 -7.89
CA TYR A 241 9.91 -30.52 -8.98
C TYR A 241 10.92 -29.37 -9.09
N SER A 242 11.34 -29.07 -10.31
CA SER A 242 12.32 -28.03 -10.57
C SER A 242 11.86 -27.13 -11.71
N TRP A 243 12.55 -26.00 -11.86
CA TRP A 243 12.13 -25.00 -12.81
C TRP A 243 13.32 -24.13 -13.19
N GLY A 244 13.15 -23.40 -14.29
CA GLY A 244 14.26 -22.63 -14.81
C GLY A 244 13.74 -21.55 -15.74
N ILE A 245 14.65 -20.70 -16.16
CA ILE A 245 14.32 -19.57 -17.02
C ILE A 245 15.27 -19.61 -18.20
N LEU A 246 14.69 -19.77 -19.39
CA LEU A 246 15.42 -19.78 -20.66
C LEU A 246 15.31 -18.39 -21.27
N LYS A 247 16.45 -17.71 -21.38
CA LYS A 247 16.44 -16.34 -21.86
C LYS A 247 16.36 -16.34 -23.39
N PRO A 248 15.98 -15.21 -23.99
CA PRO A 248 15.92 -15.13 -25.47
C PRO A 248 17.24 -15.54 -26.12
N ASN A 249 17.13 -16.39 -27.14
CA ASN A 249 18.20 -16.96 -27.96
C ASN A 249 18.94 -18.10 -27.27
N GLN A 250 18.66 -18.40 -26.01
CA GLN A 250 19.31 -19.55 -25.40
C GLN A 250 18.63 -20.85 -25.82
N THR A 251 19.36 -21.95 -25.67
CA THR A 251 18.87 -23.27 -26.02
C THR A 251 18.83 -24.17 -24.79
N LEU A 252 17.75 -24.92 -24.68
CA LEU A 252 17.52 -25.87 -23.60
C LEU A 252 17.65 -27.27 -24.19
N LYS A 253 18.59 -28.06 -23.66
CA LYS A 253 18.73 -29.47 -24.02
C LYS A 253 18.27 -30.34 -22.87
N ILE A 254 17.38 -31.29 -23.18
CA ILE A 254 16.83 -32.26 -22.23
C ILE A 254 17.34 -33.65 -22.62
N ARG A 255 17.90 -34.36 -21.64
CA ARG A 255 18.41 -35.71 -21.88
C ARG A 255 17.97 -36.61 -20.74
N THR A 256 17.55 -37.84 -21.05
CA THR A 256 17.17 -38.76 -19.96
C THR A 256 17.03 -40.18 -20.49
N ASN A 257 17.34 -41.15 -19.63
CA ASN A 257 17.00 -42.54 -19.90
C ASN A 257 16.12 -43.11 -18.78
N GLY A 258 15.41 -42.24 -18.06
CA GLY A 258 14.44 -42.66 -17.06
C GLY A 258 14.37 -41.71 -15.88
N ASN A 259 13.25 -41.80 -15.15
CA ASN A 259 12.97 -41.09 -13.89
C ASN A 259 12.67 -39.60 -14.05
N MET A 260 12.56 -39.09 -15.27
CA MET A 260 12.38 -37.67 -15.51
C MET A 260 10.98 -37.36 -16.04
N ILE A 261 10.34 -36.38 -15.43
CA ILE A 261 9.15 -35.74 -15.97
C ILE A 261 9.61 -34.53 -16.77
N VAL A 262 9.45 -34.56 -18.09
CA VAL A 262 10.09 -33.59 -18.98
C VAL A 262 9.21 -32.37 -19.23
N PRO A 263 9.81 -31.22 -19.53
CA PRO A 263 9.01 -30.04 -19.88
C PRO A 263 8.15 -30.31 -21.11
N TRP A 264 7.00 -29.65 -21.18
CA TRP A 264 6.12 -29.74 -22.35
C TRP A 264 5.81 -28.32 -22.84
N TYR A 265 5.21 -27.51 -21.98
CA TYR A 265 4.88 -26.12 -22.25
C TYR A 265 5.62 -25.22 -21.27
N GLY A 266 6.03 -24.05 -21.75
CA GLY A 266 6.60 -23.02 -20.92
C GLY A 266 5.72 -21.77 -20.85
N HIS A 267 5.98 -20.93 -19.84
CA HIS A 267 5.29 -19.67 -19.67
C HIS A 267 6.20 -18.52 -20.06
N ILE A 268 5.69 -17.60 -20.87
CA ILE A 268 6.47 -16.44 -21.29
C ILE A 268 6.34 -15.37 -20.22
N LEU A 269 7.49 -14.90 -19.74
CA LEU A 269 7.59 -13.97 -18.60
C LEU A 269 7.69 -12.54 -19.11
N ARG A 270 6.66 -11.74 -18.87
CA ARG A 270 6.66 -10.32 -19.18
C ARG A 270 6.22 -9.57 -17.93
N GLY A 271 7.05 -8.63 -17.47
CA GLY A 271 6.76 -7.85 -16.27
C GLY A 271 6.46 -8.67 -15.04
N GLU A 272 7.43 -9.48 -14.61
CA GLU A 272 7.25 -10.47 -13.55
C GLU A 272 7.98 -10.05 -12.28
N SER A 273 7.83 -10.87 -11.23
CA SER A 273 8.57 -10.75 -9.97
C SER A 273 8.30 -9.43 -9.25
N HIS A 274 7.03 -9.07 -9.14
CA HIS A 274 6.66 -7.96 -8.26
C HIS A 274 6.35 -8.41 -6.84
N GLY A 275 5.95 -9.68 -6.64
CA GLY A 275 5.87 -10.28 -5.32
C GLY A 275 4.55 -10.13 -4.62
N ARG A 276 3.56 -9.48 -5.23
CA ARG A 276 2.33 -9.17 -4.48
C ARG A 276 1.44 -10.41 -4.46
N ILE A 277 1.36 -11.05 -3.29
CA ILE A 277 0.57 -12.25 -3.09
C ILE A 277 -0.25 -12.06 -1.83
N LEU A 278 -1.53 -12.39 -1.92
CA LEU A 278 -2.48 -12.11 -0.85
C LEU A 278 -3.28 -13.38 -0.58
N ARG A 279 -3.15 -13.92 0.62
CA ARG A 279 -4.01 -15.00 1.07
C ARG A 279 -5.15 -14.37 1.86
N SER A 280 -6.35 -14.36 1.28
CA SER A 280 -7.41 -13.52 1.81
C SER A 280 -8.79 -14.02 1.40
N ASP A 281 -9.76 -13.80 2.28
CA ASP A 281 -11.16 -14.08 2.02
C ASP A 281 -11.96 -12.83 1.69
N THR A 282 -11.30 -11.68 1.59
CA THR A 282 -12.01 -10.43 1.32
C THR A 282 -12.62 -10.51 -0.07
N PRO A 283 -13.88 -10.11 -0.23
CA PRO A 283 -14.55 -10.25 -1.53
C PRO A 283 -13.89 -9.41 -2.62
N LEU A 284 -13.86 -9.96 -3.82
CA LEU A 284 -13.42 -9.19 -4.97
C LEU A 284 -14.50 -8.17 -5.35
N GLY A 285 -14.06 -7.04 -5.92
CA GLY A 285 -14.98 -6.01 -6.40
C GLY A 285 -14.57 -5.50 -7.77
N ASN A 286 -15.40 -4.63 -8.33
CA ASN A 286 -15.13 -3.96 -9.61
C ASN A 286 -14.84 -2.49 -9.31
N CYS A 287 -13.60 -2.22 -8.87
CA CYS A 287 -13.22 -0.94 -8.29
C CYS A 287 -11.75 -0.64 -8.60
N LEU A 288 -11.43 0.65 -8.66
CA LEU A 288 -10.08 1.13 -8.83
C LEU A 288 -9.64 1.86 -7.55
N VAL A 289 -8.40 1.64 -7.13
CA VAL A 289 -7.95 2.06 -5.81
C VAL A 289 -6.49 2.45 -5.90
N GLU A 290 -6.08 3.42 -5.08
CA GLU A 290 -4.68 3.79 -5.01
C GLU A 290 -3.88 2.81 -4.17
N CYS A 291 -4.48 2.31 -3.09
CA CYS A 291 -3.77 1.53 -2.09
C CYS A 291 -4.65 0.35 -1.70
N GLN A 292 -4.13 -0.86 -1.84
CA GLN A 292 -4.88 -2.08 -1.58
C GLN A 292 -4.27 -2.84 -0.41
N THR A 293 -5.07 -3.13 0.59
CA THR A 293 -4.65 -3.97 1.70
C THR A 293 -5.50 -5.23 1.72
N GLU A 294 -5.08 -6.18 2.56
CA GLU A 294 -5.75 -7.47 2.65
C GLU A 294 -7.22 -7.31 3.02
N ARG A 295 -7.53 -6.34 3.88
CA ARG A 295 -8.91 -6.16 4.33
C ARG A 295 -9.69 -5.17 3.48
N GLY A 296 -9.05 -4.43 2.59
CA GLY A 296 -9.76 -3.49 1.76
C GLY A 296 -8.83 -2.44 1.20
N GLY A 297 -9.31 -1.76 0.16
CA GLY A 297 -8.57 -0.72 -0.51
C GLY A 297 -9.20 0.65 -0.30
N PHE A 298 -8.50 1.69 -0.77
CA PHE A 298 -8.92 3.05 -0.53
C PHE A 298 -8.11 4.01 -1.40
N ASN A 299 -8.70 5.17 -1.67
CA ASN A 299 -7.99 6.34 -2.16
C ASN A 299 -7.70 7.22 -0.95
N ALA A 300 -6.55 7.89 -0.95
CA ALA A 300 -6.21 8.74 0.18
C ALA A 300 -5.25 9.82 -0.29
N SER A 301 -5.55 11.06 0.08
CA SER A 301 -4.61 12.15 -0.09
C SER A 301 -3.73 12.34 1.13
N LEU A 302 -4.16 11.81 2.28
CA LEU A 302 -3.43 11.95 3.53
C LEU A 302 -2.10 11.20 3.49
N PRO A 303 -1.11 11.63 4.28
CA PRO A 303 0.21 10.98 4.25
C PRO A 303 0.34 9.74 5.12
N PHE A 304 -0.55 9.52 6.09
CA PHE A 304 -0.46 8.39 6.98
C PHE A 304 -1.75 7.59 6.94
N GLN A 305 -1.67 6.33 7.37
CA GLN A 305 -2.82 5.43 7.39
C GLN A 305 -2.62 4.42 8.51
N ASN A 306 -3.74 3.96 9.09
CA ASN A 306 -3.69 3.00 10.19
C ASN A 306 -4.41 1.72 9.83
N ILE A 307 -4.57 1.45 8.54
CA ILE A 307 -5.33 0.29 8.09
C ILE A 307 -4.49 -0.98 8.10
N SER A 308 -3.28 -0.96 7.51
CA SER A 308 -2.49 -2.18 7.54
C SER A 308 -1.01 -1.87 7.30
N LYS A 309 -0.15 -2.64 7.98
CA LYS A 309 1.29 -2.54 7.79
C LYS A 309 1.69 -2.96 6.37
N TYR A 310 0.94 -3.85 5.73
CA TYR A 310 1.24 -4.33 4.38
C TYR A 310 0.20 -3.80 3.41
N ALA A 311 0.65 -3.24 2.31
CA ALA A 311 -0.25 -2.68 1.31
C ALA A 311 0.51 -2.51 0.02
N PHE A 312 -0.20 -2.56 -1.12
CA PHE A 312 0.47 -2.19 -2.35
C PHE A 312 -0.29 -1.12 -3.12
N GLY A 313 0.45 -0.50 -4.05
CA GLY A 313 0.00 0.65 -4.79
C GLY A 313 0.73 1.91 -4.36
N ASN A 314 -0.01 3.01 -4.24
CA ASN A 314 0.54 4.30 -3.79
C ASN A 314 -0.06 4.57 -2.43
N CYS A 315 0.75 4.39 -1.39
CA CYS A 315 0.25 4.12 -0.06
C CYS A 315 0.84 5.10 0.94
N PRO A 316 0.00 5.69 1.79
CA PRO A 316 0.52 6.44 2.93
C PRO A 316 1.30 5.53 3.87
N LYS A 317 2.19 6.13 4.65
CA LYS A 317 2.97 5.35 5.61
C LYS A 317 2.06 4.83 6.73
N TYR A 318 2.35 3.61 7.17
CA TYR A 318 1.51 2.99 8.19
C TYR A 318 1.89 3.48 9.58
N VAL A 319 0.89 3.88 10.36
CA VAL A 319 1.09 4.33 11.75
C VAL A 319 0.02 3.70 12.62
N LYS A 320 0.43 2.90 13.60
CA LYS A 320 -0.56 2.30 14.48
C LYS A 320 -0.91 3.31 15.58
N THR A 321 -2.03 4.00 15.38
CA THR A 321 -2.62 4.88 16.39
C THR A 321 -3.96 5.33 15.87
N ASN A 322 -4.76 5.91 16.76
CA ASN A 322 -6.15 6.23 16.46
C ASN A 322 -6.32 7.58 15.79
N SER A 323 -5.40 8.53 16.00
CA SER A 323 -5.63 9.86 15.48
C SER A 323 -4.31 10.63 15.34
N LEU A 324 -4.25 11.44 14.27
CA LEU A 324 -3.19 12.45 14.08
C LEU A 324 -3.91 13.74 13.71
N LYS A 325 -4.43 14.44 14.71
CA LYS A 325 -5.30 15.59 14.46
C LYS A 325 -4.49 16.88 14.47
N LEU A 326 -4.48 17.57 13.34
CA LEU A 326 -3.80 18.83 13.16
C LEU A 326 -4.76 19.99 13.42
N ALA A 327 -4.32 20.97 14.20
CA ALA A 327 -5.17 22.16 14.39
C ALA A 327 -5.09 23.06 13.16
N LEU A 328 -6.26 23.56 12.76
CA LEU A 328 -6.37 24.54 11.68
C LEU A 328 -6.79 25.91 12.20
N GLY A 329 -7.85 25.95 13.01
CA GLY A 329 -8.36 27.21 13.52
C GLY A 329 -7.78 27.52 14.87
N MET A 330 -8.49 28.36 15.61
CA MET A 330 -7.88 28.93 16.81
C MET A 330 -8.41 28.26 18.06
N ARG A 331 -7.69 28.50 19.16
CA ARG A 331 -8.17 28.15 20.49
C ARG A 331 -9.62 28.60 20.65
N ASN A 332 -10.48 27.68 21.06
CA ASN A 332 -11.93 27.88 21.01
C ASN A 332 -12.54 28.04 22.39
N VAL A 333 -11.95 28.89 23.20
CA VAL A 333 -12.47 29.25 24.55
C VAL A 333 -13.05 30.63 24.44
N PRO A 334 -14.37 30.82 24.53
CA PRO A 334 -14.95 32.16 24.46
C PRO A 334 -14.63 32.94 25.73
N ILE A 335 -14.76 34.26 25.62
CA ILE A 335 -14.68 35.11 26.81
C ILE A 335 -15.78 34.69 27.79
N LYS A 336 -15.41 34.55 29.06
CA LYS A 336 -16.32 33.95 30.04
C LYS A 336 -17.49 34.89 30.32
N GLU A 337 -18.69 34.48 29.91
CA GLU A 337 -19.89 35.26 30.17
C GLU A 337 -20.25 35.16 31.66
N THR A 338 -20.71 36.27 32.22
CA THR A 338 -20.98 36.34 33.66
C THR A 338 -22.30 37.06 33.94
N PHE A 342 -25.80 41.38 31.07
CA PHE A 342 -24.57 42.17 31.04
C PHE A 342 -23.36 41.29 30.65
N GLY A 343 -22.40 41.87 29.93
CA GLY A 343 -21.21 41.15 29.52
C GLY A 343 -19.92 41.94 29.39
N ALA A 344 -19.88 43.19 29.87
CA ALA A 344 -18.71 44.07 29.78
C ALA A 344 -18.18 44.19 28.34
N ILE A 345 -16.94 44.69 28.17
CA ILE A 345 -16.37 44.90 26.84
C ILE A 345 -14.90 44.51 26.83
N ALA A 346 -14.54 43.53 25.99
CA ALA A 346 -13.15 43.12 25.86
C ALA A 346 -12.94 42.49 24.49
N GLY A 347 -11.66 42.36 24.13
CA GLY A 347 -11.30 41.64 22.91
C GLY A 347 -10.35 40.47 23.11
N PHE A 348 -9.45 40.31 22.15
CA PHE A 348 -8.76 39.03 21.98
C PHE A 348 -7.98 38.61 23.22
N ILE A 349 -7.57 39.58 24.07
CA ILE A 349 -6.79 39.25 25.25
C ILE A 349 -7.56 38.33 26.19
N GLU A 350 -8.89 38.49 26.28
CA GLU A 350 -9.71 37.68 27.18
C GLU A 350 -10.25 36.41 26.54
N GLY A 351 -10.14 36.23 25.22
CA GLY A 351 -10.71 35.06 24.61
C GLY A 351 -11.42 35.42 23.33
N GLY A 352 -12.26 34.49 22.87
CA GLY A 352 -12.92 34.63 21.59
C GLY A 352 -14.35 35.16 21.70
N TRP A 353 -14.87 35.57 20.54
CA TRP A 353 -16.22 36.11 20.44
C TRP A 353 -17.15 35.08 19.81
N PRO A 354 -18.10 34.51 20.57
CA PRO A 354 -19.06 33.57 19.96
C PRO A 354 -19.84 34.16 18.81
N GLY A 355 -19.95 35.49 18.70
CA GLY A 355 -20.74 36.05 17.64
C GLY A 355 -20.06 36.32 16.31
N LEU A 356 -18.73 36.35 16.28
CA LEU A 356 -18.02 36.66 15.04
C LEU A 356 -18.31 35.60 13.99
N VAL A 357 -18.64 36.04 12.76
CA VAL A 357 -19.22 35.12 11.77
C VAL A 357 -18.42 34.94 10.48
N ALA A 358 -18.15 36.03 9.76
CA ALA A 358 -17.70 35.88 8.38
C ALA A 358 -16.19 35.70 8.23
N GLY A 359 -15.48 35.36 9.30
CA GLY A 359 -14.03 35.47 9.27
C GLY A 359 -13.44 35.00 10.58
N TRP A 360 -12.12 34.94 10.61
CA TRP A 360 -11.45 34.44 11.80
C TRP A 360 -11.22 35.57 12.81
N TYR A 361 -10.84 36.74 12.32
CA TYR A 361 -10.51 37.89 13.13
C TYR A 361 -11.40 39.05 12.73
N GLY A 362 -11.69 39.93 13.68
CA GLY A 362 -12.57 41.04 13.36
C GLY A 362 -12.63 42.10 14.44
N PHE A 363 -13.66 42.94 14.28
CA PHE A 363 -13.87 44.14 15.08
C PHE A 363 -15.24 44.12 15.73
N GLN A 364 -15.30 44.66 16.92
CA GLN A 364 -16.54 44.99 17.60
C GLN A 364 -16.45 46.44 18.03
N HIS A 365 -17.45 47.24 17.69
CA HIS A 365 -17.41 48.67 17.95
C HIS A 365 -18.60 49.11 18.79
N TYR A 366 -18.41 50.22 19.50
CA TYR A 366 -19.39 50.77 20.42
C TYR A 366 -19.39 52.29 20.22
N ASN A 367 -20.49 52.84 19.75
CA ASN A 367 -20.61 54.29 19.59
C ASN A 367 -22.06 54.67 19.87
N SER A 368 -22.38 55.95 19.65
CA SER A 368 -23.71 56.42 20.03
C SER A 368 -24.81 55.89 19.12
N GLU A 369 -24.48 55.42 17.92
CA GLU A 369 -25.51 54.75 17.12
C GLU A 369 -25.68 53.28 17.48
N GLY A 370 -24.83 52.72 18.38
CA GLY A 370 -25.03 51.36 18.83
C GLY A 370 -23.74 50.55 18.82
N THR A 371 -23.88 49.23 18.78
CA THR A 371 -22.76 48.31 18.78
C THR A 371 -22.81 47.42 17.55
N GLY A 372 -21.65 47.01 17.08
CA GLY A 372 -21.59 46.19 15.87
C GLY A 372 -20.37 45.30 15.82
N MET A 373 -20.44 44.28 14.96
CA MET A 373 -19.37 43.31 14.86
C MET A 373 -19.17 42.88 13.41
N ALA A 374 -17.94 43.02 12.91
CA ALA A 374 -17.62 42.76 11.51
C ALA A 374 -16.28 42.04 11.38
N ALA A 375 -16.20 41.07 10.48
CA ALA A 375 -14.95 40.36 10.24
C ALA A 375 -13.98 41.24 9.46
N ASP A 376 -12.67 41.05 9.69
CA ASP A 376 -11.62 41.69 8.88
C ASP A 376 -11.13 40.67 7.84
N LEU A 377 -11.47 40.91 6.58
CA LEU A 377 -11.25 39.90 5.57
C LEU A 377 -9.78 39.77 5.19
N THR A 378 -9.02 40.85 5.17
CA THR A 378 -7.62 40.80 4.79
C THR A 378 -6.82 39.87 5.69
N SER A 379 -6.78 40.18 7.00
CA SER A 379 -5.98 39.38 7.91
C SER A 379 -6.49 37.95 7.97
N THR A 380 -7.81 37.76 7.81
CA THR A 380 -8.35 36.40 7.80
C THR A 380 -7.83 35.61 6.60
N GLN A 381 -7.80 36.23 5.41
CA GLN A 381 -7.38 35.51 4.23
C GLN A 381 -5.88 35.23 4.26
N LYS A 382 -5.08 36.18 4.75
CA LYS A 382 -3.65 35.92 4.93
C LYS A 382 -3.44 34.70 5.83
N ALA A 383 -4.16 34.65 6.95
CA ALA A 383 -4.02 33.53 7.86
C ALA A 383 -4.45 32.23 7.22
N ILE A 384 -5.54 32.26 6.44
CA ILE A 384 -6.03 31.05 5.78
C ILE A 384 -5.00 30.54 4.79
N ASP A 385 -4.41 31.44 4.00
CA ASP A 385 -3.37 31.04 3.06
C ASP A 385 -2.18 30.39 3.77
N LYS A 386 -1.78 30.94 4.92
CA LYS A 386 -0.64 30.36 5.65
C LYS A 386 -0.97 28.96 6.19
N ILE A 387 -2.13 28.82 6.83
CA ILE A 387 -2.52 27.52 7.37
C ILE A 387 -2.70 26.49 6.24
N THR A 388 -3.22 26.95 5.09
CA THR A 388 -3.45 26.04 3.99
C THR A 388 -2.13 25.57 3.40
N SER A 389 -1.15 26.47 3.28
CA SER A 389 0.12 26.01 2.73
C SER A 389 0.85 25.12 3.74
N LYS A 390 0.67 25.35 5.04
CA LYS A 390 1.22 24.43 6.03
C LYS A 390 0.65 23.01 5.86
N VAL A 391 -0.68 22.92 5.72
CA VAL A 391 -1.32 21.60 5.57
C VAL A 391 -0.86 20.94 4.27
N ASN A 392 -0.82 21.70 3.19
CA ASN A 392 -0.43 21.14 1.91
C ASN A 392 1.04 20.71 1.91
N ASN A 393 1.92 21.43 2.60
CA ASN A 393 3.31 20.99 2.66
C ASN A 393 3.41 19.69 3.46
N ILE A 394 2.71 19.60 4.58
CA ILE A 394 2.77 18.39 5.39
C ILE A 394 2.26 17.19 4.61
N ILE A 395 1.27 17.40 3.75
CA ILE A 395 0.66 16.30 3.00
C ILE A 395 1.45 15.96 1.73
N ASP A 396 1.86 16.98 0.97
CA ASP A 396 2.38 16.80 -0.37
C ASP A 396 3.81 16.29 -0.39
N LYS A 397 4.58 16.54 0.66
CA LYS A 397 5.97 16.10 0.62
C LYS A 397 6.11 14.60 0.82
N MET A 398 5.05 13.90 1.22
CA MET A 398 5.12 12.47 1.45
C MET A 398 5.20 11.74 0.11
N ASN A 399 6.24 10.94 -0.07
CA ASN A 399 6.39 10.12 -1.26
C ASN A 399 5.46 8.91 -1.20
N LYS A 400 4.87 8.55 -2.33
CA LYS A 400 3.96 7.39 -2.37
C LYS A 400 4.27 6.47 -3.55
N GLN A 401 5.55 6.12 -3.75
CA GLN A 401 6.02 5.24 -4.81
C GLN A 401 6.27 3.81 -4.33
N TYR A 402 6.78 3.65 -3.12
CA TYR A 402 7.27 2.38 -2.63
C TYR A 402 6.24 1.72 -1.73
N GLU A 403 6.29 0.39 -1.67
CA GLU A 403 5.31 -0.36 -0.90
C GLU A 403 6.03 -1.34 0.02
N ILE A 404 5.37 -1.66 1.11
CA ILE A 404 5.82 -2.69 2.04
C ILE A 404 4.77 -3.80 2.00
N ILE A 405 5.20 -5.01 1.62
CA ILE A 405 4.30 -6.12 1.35
C ILE A 405 4.75 -7.33 2.17
N GLY A 406 3.81 -8.25 2.41
CA GLY A 406 4.17 -9.49 3.10
C GLY A 406 4.94 -10.41 2.16
N HIS A 407 5.93 -11.10 2.71
CA HIS A 407 6.74 -12.07 1.97
C HIS A 407 6.63 -13.45 2.59
N GLU A 408 6.92 -14.47 1.79
CA GLU A 408 6.94 -15.86 2.25
C GLU A 408 8.39 -16.32 2.48
N PHE A 409 8.60 -17.03 3.59
CA PHE A 409 9.91 -17.57 3.96
C PHE A 409 9.77 -19.04 4.38
N SER A 410 10.75 -19.85 3.99
CA SER A 410 10.80 -21.26 4.35
C SER A 410 11.25 -21.45 5.79
N GLU A 411 11.19 -22.70 6.25
CA GLU A 411 11.60 -23.09 7.61
C GLU A 411 13.07 -22.83 7.90
N ILE A 412 13.94 -22.75 6.90
CA ILE A 412 15.34 -22.47 7.21
C ILE A 412 15.68 -21.05 6.82
N GLU A 413 14.67 -20.17 6.81
CA GLU A 413 14.87 -18.77 6.45
C GLU A 413 14.39 -17.85 7.54
N THR A 414 14.51 -18.27 8.81
CA THR A 414 14.00 -17.41 9.86
C THR A 414 14.90 -16.19 10.09
N ARG A 415 16.20 -16.30 9.79
CA ARG A 415 17.06 -15.13 9.94
C ARG A 415 16.65 -14.03 8.96
N ILE A 416 16.50 -14.37 7.66
CA ILE A 416 16.11 -13.29 6.76
C ILE A 416 14.67 -12.85 7.03
N ASN A 417 13.83 -13.74 7.57
CA ASN A 417 12.50 -13.36 8.01
C ASN A 417 12.57 -12.29 9.10
N MET A 418 13.47 -12.49 10.07
CA MET A 418 13.62 -11.54 11.18
C MET A 418 14.18 -10.22 10.69
N ILE A 419 15.11 -10.29 9.74
CA ILE A 419 15.73 -9.10 9.19
C ILE A 419 14.70 -8.27 8.42
N ASN A 420 13.88 -8.94 7.62
CA ASN A 420 12.79 -8.30 6.91
C ASN A 420 11.82 -7.62 7.89
N ASP A 421 11.43 -8.35 8.94
CA ASP A 421 10.52 -7.78 9.92
C ASP A 421 11.16 -6.59 10.63
N LYS A 422 12.45 -6.67 10.90
CA LYS A 422 13.16 -5.56 11.53
C LYS A 422 13.09 -4.31 10.68
N ILE A 423 13.28 -4.43 9.37
CA ILE A 423 13.10 -3.25 8.51
C ILE A 423 11.70 -2.69 8.69
N ASP A 424 10.68 -3.53 8.55
CA ASP A 424 9.31 -3.02 8.64
C ASP A 424 9.05 -2.34 9.99
N ASP A 425 9.53 -2.95 11.10
CA ASP A 425 9.23 -2.46 12.45
C ASP A 425 10.01 -1.18 12.78
N GLN A 426 11.31 -1.12 12.43
CA GLN A 426 12.09 0.07 12.73
C GLN A 426 11.61 1.27 11.92
N ILE A 427 11.25 1.04 10.64
CA ILE A 427 10.65 2.10 9.84
C ILE A 427 9.35 2.60 10.49
N GLN A 428 8.50 1.66 10.93
CA GLN A 428 7.27 2.04 11.60
C GLN A 428 7.51 2.87 12.87
N ASP A 429 8.50 2.49 13.68
CA ASP A 429 8.80 3.26 14.90
C ASP A 429 9.20 4.69 14.56
N ILE A 430 10.00 4.86 13.51
CA ILE A 430 10.41 6.20 13.08
C ILE A 430 9.20 7.01 12.65
N TRP A 431 8.33 6.43 11.82
CA TRP A 431 7.20 7.22 11.32
C TRP A 431 6.22 7.53 12.45
N ALA A 432 6.03 6.61 13.38
CA ALA A 432 5.07 6.84 14.45
C ALA A 432 5.55 7.98 15.34
N TYR A 433 6.83 7.94 15.72
CA TYR A 433 7.35 8.98 16.58
C TYR A 433 7.36 10.33 15.86
N ASN A 434 7.79 10.35 14.60
CA ASN A 434 7.91 11.62 13.89
C ASN A 434 6.55 12.22 13.58
N ALA A 435 5.57 11.40 13.20
CA ALA A 435 4.24 11.91 12.92
C ALA A 435 3.56 12.40 14.20
N GLU A 436 3.69 11.66 15.30
CA GLU A 436 3.08 12.14 16.55
C GLU A 436 3.71 13.46 16.98
N LEU A 437 5.04 13.54 16.97
CA LEU A 437 5.72 14.75 17.43
C LEU A 437 5.50 15.89 16.46
N LEU A 438 5.44 15.61 15.17
CA LEU A 438 5.22 16.69 14.21
C LEU A 438 3.85 17.32 14.43
N VAL A 439 2.82 16.50 14.62
CA VAL A 439 1.50 17.04 14.89
C VAL A 439 1.52 17.84 16.19
N LEU A 440 2.18 17.34 17.24
CA LEU A 440 2.19 18.09 18.51
C LEU A 440 2.91 19.44 18.37
N LEU A 441 4.06 19.45 17.69
CA LEU A 441 4.84 20.67 17.52
C LEU A 441 4.09 21.67 16.65
N GLU A 442 3.50 21.19 15.54
CA GLU A 442 2.79 22.09 14.65
C GLU A 442 1.55 22.65 15.30
N ASN A 443 0.85 21.86 16.11
CA ASN A 443 -0.32 22.37 16.81
C ASN A 443 0.07 23.49 17.77
N GLN A 444 1.16 23.30 18.52
CA GLN A 444 1.64 24.39 19.35
C GLN A 444 1.88 25.65 18.53
N LYS A 445 2.60 25.50 17.41
CA LYS A 445 2.92 26.65 16.58
C LYS A 445 1.67 27.31 16.02
N THR A 446 0.69 26.51 15.60
CA THR A 446 -0.49 27.05 14.91
C THR A 446 -1.31 27.89 15.85
N LEU A 447 -1.50 27.42 17.09
CA LEU A 447 -2.21 28.21 18.09
C LEU A 447 -1.45 29.52 18.37
N ASP A 448 -0.12 29.44 18.53
CA ASP A 448 0.66 30.66 18.73
C ASP A 448 0.56 31.59 17.54
N GLU A 449 0.48 31.04 16.33
CA GLU A 449 0.40 31.84 15.11
C GLU A 449 -0.93 32.59 15.04
N HIS A 450 -2.03 31.94 15.45
CA HIS A 450 -3.28 32.66 15.50
C HIS A 450 -3.21 33.82 16.49
N ASP A 451 -2.62 33.58 17.67
CA ASP A 451 -2.40 34.67 18.62
C ASP A 451 -1.61 35.81 17.99
N SER A 452 -0.54 35.46 17.25
CA SER A 452 0.26 36.47 16.58
C SER A 452 -0.54 37.22 15.54
N ASN A 453 -1.37 36.51 14.77
CA ASN A 453 -2.14 37.14 13.70
C ASN A 453 -3.08 38.18 14.28
N VAL A 454 -3.83 37.80 15.31
CA VAL A 454 -4.82 38.74 15.86
C VAL A 454 -4.10 39.89 16.56
N ARG A 455 -2.97 39.61 17.22
CA ARG A 455 -2.16 40.68 17.77
C ARG A 455 -1.66 41.63 16.68
N ASN A 456 -1.34 41.11 15.50
CA ASN A 456 -0.84 41.99 14.45
C ASN A 456 -1.96 42.86 13.87
N LEU A 457 -3.17 42.29 13.75
CA LEU A 457 -4.31 43.12 13.41
C LEU A 457 -4.48 44.24 14.43
N TYR A 458 -4.31 43.90 15.71
CA TYR A 458 -4.49 44.90 16.75
C TYR A 458 -3.40 45.97 16.68
N GLU A 459 -2.23 45.66 16.25
CA GLU A 459 -1.19 46.64 16.20
C GLU A 459 -1.31 47.54 15.01
N ARG A 460 -1.97 47.09 13.99
CA ARG A 460 -2.18 47.90 12.83
C ARG A 460 -3.15 49.02 13.12
N VAL A 461 -4.18 48.70 13.84
CA VAL A 461 -5.17 49.65 14.19
C VAL A 461 -4.61 50.61 15.19
N LYS A 462 -3.71 50.16 16.01
CA LYS A 462 -3.11 51.01 16.97
C LYS A 462 -2.32 52.07 16.30
N ARG A 463 -1.61 51.72 15.27
CA ARG A 463 -0.81 52.67 14.56
C ARG A 463 -1.66 53.63 13.81
N SER A 464 -2.78 53.16 13.33
CA SER A 464 -3.63 53.98 12.57
C SER A 464 -4.38 54.95 13.41
N LEU A 465 -4.54 54.67 14.67
CA LEU A 465 -5.33 55.49 15.53
C LEU A 465 -4.46 56.42 16.26
N GLY A 466 -3.23 56.06 16.36
CA GLY A 466 -2.32 56.92 17.00
C GLY A 466 -2.76 57.43 18.30
N GLU A 467 -2.44 58.68 18.55
CA GLU A 467 -2.75 59.22 19.86
C GLU A 467 -4.22 59.62 20.03
N ASN A 468 -5.08 59.35 19.04
CA ASN A 468 -6.52 59.53 19.18
C ASN A 468 -7.21 58.43 19.97
N ALA A 469 -6.46 57.52 20.58
CA ALA A 469 -7.10 56.42 21.31
C ALA A 469 -6.18 55.98 22.42
N ILE A 470 -6.77 55.59 23.55
CA ILE A 470 -6.02 54.98 24.64
C ILE A 470 -6.06 53.48 24.43
N ASP A 471 -4.88 52.89 24.38
CA ASP A 471 -4.71 51.45 24.38
C ASP A 471 -5.13 50.90 25.73
N GLU A 472 -6.42 50.68 25.95
CA GLU A 472 -6.79 49.73 27.00
C GLU A 472 -6.05 48.45 26.75
N GLY A 473 -5.90 48.08 25.48
CA GLY A 473 -4.98 47.05 25.05
C GLY A 473 -5.54 45.65 25.03
N ASN A 474 -6.77 45.45 25.51
CA ASN A 474 -7.35 44.14 25.75
C ASN A 474 -8.09 43.73 24.53
N GLY A 475 -7.52 44.12 23.39
CA GLY A 475 -8.19 44.17 22.13
C GLY A 475 -8.96 45.44 21.94
N CYS A 476 -9.15 46.24 22.98
CA CYS A 476 -10.04 47.39 22.92
C CYS A 476 -9.27 48.69 22.96
N PHE A 477 -9.78 49.66 22.20
CA PHE A 477 -9.26 51.01 22.11
C PHE A 477 -10.36 51.96 22.55
N GLU A 478 -10.03 52.82 23.51
CA GLU A 478 -10.93 53.90 23.92
C GLU A 478 -10.64 55.10 23.03
N LEU A 479 -11.62 55.51 22.23
CA LEU A 479 -11.44 56.63 21.31
C LEU A 479 -11.57 57.97 22.05
N LEU A 480 -10.56 58.82 21.89
CA LEU A 480 -10.55 60.18 22.46
C LEU A 480 -11.38 61.17 21.66
N HIS A 481 -12.26 60.71 20.78
CA HIS A 481 -13.21 61.56 20.08
C HIS A 481 -14.35 60.67 19.63
N LYS A 482 -15.53 61.27 19.44
CA LYS A 482 -16.67 60.50 18.97
C LYS A 482 -16.34 59.92 17.59
N CYS A 483 -16.87 58.73 17.33
CA CYS A 483 -16.56 58.01 16.11
C CYS A 483 -17.85 57.31 15.70
N ASP A 484 -18.55 57.88 14.72
CA ASP A 484 -19.82 57.33 14.27
C ASP A 484 -19.55 56.15 13.34
N ASN A 485 -20.63 55.59 12.78
CA ASN A 485 -20.50 54.38 11.97
C ASN A 485 -19.59 54.60 10.77
N THR A 486 -19.62 55.80 10.18
CA THR A 486 -18.75 56.06 9.04
C THR A 486 -17.28 56.11 9.46
N CYS A 487 -16.98 56.79 10.59
CA CYS A 487 -15.60 56.82 11.09
C CYS A 487 -15.13 55.41 11.46
N MET A 488 -16.03 54.63 12.05
CA MET A 488 -15.74 53.25 12.39
C MET A 488 -15.39 52.44 11.16
N ASP A 489 -16.13 52.64 10.06
CA ASP A 489 -15.82 51.96 8.81
C ASP A 489 -14.46 52.40 8.27
N THR A 490 -14.12 53.68 8.40
CA THR A 490 -12.80 54.09 7.91
C THR A 490 -11.71 53.41 8.72
N ILE A 491 -11.94 53.24 10.03
CA ILE A 491 -10.92 52.56 10.83
C ILE A 491 -10.78 51.11 10.39
N LYS A 492 -11.89 50.45 10.13
CA LYS A 492 -11.84 49.04 9.71
C LYS A 492 -11.13 48.87 8.37
N ASN A 493 -11.50 49.67 7.36
CA ASN A 493 -10.87 49.54 6.05
C ASN A 493 -9.61 50.39 5.90
N GLY A 494 -8.97 50.76 7.01
CA GLY A 494 -7.62 51.28 6.99
C GLY A 494 -7.40 52.66 6.40
N THR A 495 -8.47 53.40 6.07
CA THR A 495 -8.34 54.77 5.54
C THR A 495 -8.46 55.86 6.61
N TYR A 496 -8.60 55.51 7.89
CA TYR A 496 -8.66 56.51 8.95
C TYR A 496 -7.32 57.21 9.09
N SER A 497 -7.34 58.54 9.14
CA SER A 497 -6.14 59.34 9.35
C SER A 497 -6.09 59.87 10.77
N LYS A 498 -5.04 59.61 11.48
CA LYS A 498 -4.87 60.09 12.82
C LYS A 498 -4.53 61.53 12.87
N TYR A 499 -4.39 62.13 11.72
CA TYR A 499 -4.02 63.53 11.67
C TYR A 499 -5.18 64.41 11.24
N GLN A 500 -6.33 63.80 10.99
CA GLN A 500 -7.46 64.47 10.35
C GLN A 500 -7.93 65.66 11.17
N TYR A 501 -8.35 66.70 10.44
CA TYR A 501 -9.06 67.84 10.99
C TYR A 501 -10.36 67.97 10.21
N SER A 502 -11.50 68.06 10.90
CA SER A 502 -12.79 68.18 10.20
C SER A 502 -13.59 69.41 10.61
#